data_9F7K
#
_entry.id   9F7K
#
_cell.length_a   81.038
_cell.length_b   82.919
_cell.length_c   95.543
_cell.angle_alpha   90.000
_cell.angle_beta   90.000
_cell.angle_gamma   90.000
#
_symmetry.space_group_name_H-M   'P 21 21 21'
#
loop_
_entity.id
_entity.type
_entity.pdbx_description
1 polymer GH14654p
2 non-polymer GLYCEROL
3 non-polymer GLUTATHIONE
4 non-polymer S-Hydroxy-Glutathione
5 water water
#
_entity_poly.entity_id   1
_entity_poly.type   'polypeptide(L)'
_entity_poly.pdbx_seq_one_letter_code
;MSSSGIVLYGTDLSPCVRTVKLTLKVLNLDYEYKEVNLQAGEHLSEEYVKKNPQHTVPMLDDNGTFIWDSHAIAAYLVDK
YAKSDELYPKDLAKRAIVNQRLFFDASVIYASIANVSRPFWINGVTEVPQEKLDAVHQGLKLLETFLGNSPYLAGDSLTL
ADLSTGPTVSAVPAAVDIDPATYPKVTAWLDRLNKLPYYKEINEAPAQSYVAFLRSKWTKLGDK
;
_entity_poly.pdbx_strand_id   A,B
#
# COMPACT_ATOMS: atom_id res chain seq x y z
N SER A 2 -15.21 -27.59 -3.92
CA SER A 2 -16.22 -26.56 -4.29
C SER A 2 -16.54 -26.59 -5.80
N SER A 3 -17.77 -26.16 -6.16
CA SER A 3 -18.19 -26.02 -7.54
C SER A 3 -18.40 -24.53 -7.91
N SER A 4 -17.83 -23.58 -7.14
CA SER A 4 -17.95 -22.14 -7.48
C SER A 4 -16.95 -21.79 -8.57
N GLY A 5 -15.89 -22.59 -8.69
CA GLY A 5 -14.77 -22.29 -9.53
C GLY A 5 -13.78 -21.27 -8.93
N ILE A 6 -13.99 -20.88 -7.68
CA ILE A 6 -13.10 -19.94 -7.00
C ILE A 6 -12.10 -20.75 -6.21
N VAL A 7 -10.80 -20.44 -6.36
CA VAL A 7 -9.73 -21.10 -5.62
C VAL A 7 -8.89 -20.03 -4.92
N LEU A 8 -8.65 -20.22 -3.60
CA LEU A 8 -7.75 -19.33 -2.87
C LEU A 8 -6.46 -20.09 -2.57
N TYR A 9 -5.34 -19.50 -2.96
CA TYR A 9 -4.03 -19.99 -2.61
C TYR A 9 -3.52 -19.19 -1.42
N GLY A 10 -3.18 -19.90 -0.34
CA GLY A 10 -2.84 -19.22 0.87
C GLY A 10 -2.23 -20.11 1.94
N THR A 11 -1.96 -19.46 3.07
CA THR A 11 -1.60 -20.12 4.31
C THR A 11 -2.27 -19.36 5.44
N ASP A 12 -2.76 -20.05 6.48
CA ASP A 12 -3.60 -19.42 7.50
C ASP A 12 -2.85 -18.44 8.37
N LEU A 13 -1.50 -18.57 8.54
CA LEU A 13 -0.75 -17.68 9.41
C LEU A 13 -0.48 -16.30 8.80
N SER A 14 -0.75 -16.14 7.50
CA SER A 14 -0.65 -14.84 6.83
C SER A 14 -1.90 -13.99 7.08
N PRO A 15 -1.78 -12.80 7.68
CA PRO A 15 -2.94 -11.92 7.84
C PRO A 15 -3.53 -11.50 6.51
N CYS A 16 -2.69 -11.30 5.47
CA CYS A 16 -3.20 -10.92 4.14
C CYS A 16 -4.14 -12.01 3.59
N VAL A 17 -3.77 -13.29 3.78
CA VAL A 17 -4.62 -14.40 3.40
C VAL A 17 -5.94 -14.36 4.18
N ARG A 18 -5.85 -14.13 5.50
CA ARG A 18 -7.05 -14.14 6.30
C ARG A 18 -8.02 -13.02 5.87
N THR A 19 -7.51 -11.84 5.45
CA THR A 19 -8.38 -10.82 4.86
C THR A 19 -9.30 -11.42 3.79
N VAL A 20 -8.71 -12.21 2.89
CA VAL A 20 -9.46 -12.81 1.80
C VAL A 20 -10.44 -13.87 2.30
N LYS A 21 -10.01 -14.71 3.25
CA LYS A 21 -10.93 -15.68 3.83
C LYS A 21 -12.14 -15.00 4.47
N LEU A 22 -11.89 -13.89 5.15
CA LEU A 22 -12.96 -13.14 5.80
C LEU A 22 -13.94 -12.60 4.79
N THR A 23 -13.40 -12.07 3.68
CA THR A 23 -14.22 -11.49 2.62
C THR A 23 -15.09 -12.59 1.99
N LEU A 24 -14.49 -13.74 1.66
CA LEU A 24 -15.21 -14.89 1.10
C LEU A 24 -16.31 -15.36 2.05
N LYS A 25 -16.02 -15.31 3.35
CA LYS A 25 -17.01 -15.71 4.35
C LYS A 25 -18.18 -14.75 4.43
N VAL A 26 -17.95 -13.43 4.47
CA VAL A 26 -19.03 -12.45 4.58
CA VAL A 26 -19.04 -12.47 4.59
C VAL A 26 -19.86 -12.48 3.30
N LEU A 27 -19.24 -12.79 2.15
CA LEU A 27 -20.00 -12.87 0.91
C LEU A 27 -20.72 -14.22 0.74
N ASN A 28 -20.54 -15.14 1.68
CA ASN A 28 -21.09 -16.48 1.68
C ASN A 28 -20.70 -17.25 0.43
N LEU A 29 -19.45 -17.11 -0.01
CA LEU A 29 -18.97 -17.79 -1.21
C LEU A 29 -18.23 -19.05 -0.83
N ASP A 30 -18.62 -20.16 -1.46
CA ASP A 30 -17.78 -21.37 -1.39
C ASP A 30 -16.55 -21.24 -2.28
N TYR A 31 -15.50 -21.94 -1.89
CA TYR A 31 -14.26 -21.90 -2.65
C TYR A 31 -13.42 -23.09 -2.25
N GLU A 32 -12.44 -23.39 -3.06
CA GLU A 32 -11.44 -24.37 -2.72
C GLU A 32 -10.21 -23.65 -2.17
N TYR A 33 -9.72 -24.09 -1.03
CA TYR A 33 -8.55 -23.49 -0.38
C TYR A 33 -7.36 -24.38 -0.65
N LYS A 34 -6.38 -23.88 -1.40
CA LYS A 34 -5.15 -24.60 -1.68
C LYS A 34 -4.09 -24.04 -0.76
N GLU A 35 -3.62 -24.87 0.16
CA GLU A 35 -2.57 -24.46 1.06
C GLU A 35 -1.25 -24.39 0.29
N VAL A 36 -0.55 -23.26 0.36
CA VAL A 36 0.73 -23.10 -0.29
C VAL A 36 1.74 -23.17 0.86
N ASN A 37 2.68 -24.11 0.76
CA ASN A 37 3.71 -24.29 1.78
C ASN A 37 4.92 -23.40 1.51
N LEU A 38 4.90 -22.24 2.16
CA LEU A 38 5.93 -21.21 1.95
C LEU A 38 7.30 -21.76 2.39
N GLN A 39 7.31 -22.54 3.48
CA GLN A 39 8.57 -23.11 4.01
C GLN A 39 9.25 -24.03 2.99
N ALA A 40 8.46 -24.71 2.14
CA ALA A 40 8.99 -25.58 1.10
C ALA A 40 9.25 -24.82 -0.19
N GLY A 41 8.97 -23.51 -0.22
CA GLY A 41 9.23 -22.76 -1.44
C GLY A 41 8.16 -23.01 -2.51
N GLU A 42 6.94 -23.41 -2.14
CA GLU A 42 5.91 -23.71 -3.14
C GLU A 42 5.51 -22.44 -3.90
N HIS A 43 5.64 -21.27 -3.26
CA HIS A 43 5.32 -19.98 -3.90
C HIS A 43 6.39 -19.54 -4.92
N LEU A 44 7.53 -20.27 -4.96
CA LEU A 44 8.64 -19.92 -5.83
C LEU A 44 8.75 -20.92 -6.98
N SER A 45 7.79 -21.83 -7.10
CA SER A 45 7.82 -22.79 -8.21
C SER A 45 7.49 -22.08 -9.52
N GLU A 46 7.91 -22.68 -10.64
CA GLU A 46 7.73 -22.09 -11.96
C GLU A 46 6.25 -21.86 -12.22
N GLU A 47 5.39 -22.81 -11.86
CA GLU A 47 3.97 -22.73 -12.20
C GLU A 47 3.30 -21.64 -11.36
N TYR A 48 3.73 -21.44 -10.10
CA TYR A 48 3.12 -20.42 -9.25
C TYR A 48 3.53 -19.04 -9.77
N VAL A 49 4.84 -18.82 -10.02
CA VAL A 49 5.39 -17.53 -10.40
CA VAL A 49 5.35 -17.51 -10.38
C VAL A 49 4.86 -17.11 -11.77
N LYS A 50 4.46 -18.08 -12.63
CA LYS A 50 3.87 -17.75 -13.91
C LYS A 50 2.53 -17.01 -13.70
N LYS A 51 1.81 -17.38 -12.63
CA LYS A 51 0.54 -16.73 -12.35
C LYS A 51 0.74 -15.48 -11.49
N ASN A 52 1.67 -15.56 -10.53
CA ASN A 52 1.96 -14.43 -9.65
C ASN A 52 3.46 -14.18 -9.59
N PRO A 53 3.98 -13.28 -10.44
CA PRO A 53 5.40 -12.99 -10.45
C PRO A 53 5.89 -12.37 -9.14
N GLN A 54 4.99 -11.86 -8.26
CA GLN A 54 5.43 -11.36 -6.97
C GLN A 54 5.70 -12.50 -5.97
N HIS A 55 5.28 -13.74 -6.31
CA HIS A 55 5.46 -14.91 -5.47
C HIS A 55 4.95 -14.66 -4.05
N THR A 56 3.71 -14.17 -3.95
CA THR A 56 3.08 -13.97 -2.67
C THR A 56 1.81 -14.81 -2.56
N VAL A 57 1.39 -14.97 -1.32
CA VAL A 57 0.01 -15.35 -1.03
C VAL A 57 -0.61 -14.13 -0.37
N PRO A 58 -1.93 -13.89 -0.44
CA PRO A 58 -2.87 -14.71 -1.19
C PRO A 58 -2.83 -14.49 -2.72
N MET A 59 -3.24 -15.54 -3.45
CA MET A 59 -3.64 -15.38 -4.85
C MET A 59 -5.01 -16.03 -5.00
N LEU A 60 -5.84 -15.37 -5.78
CA LEU A 60 -7.16 -15.86 -6.09
C LEU A 60 -7.24 -16.25 -7.56
N ASP A 61 -7.82 -17.43 -7.79
CA ASP A 61 -8.24 -17.83 -9.14
C ASP A 61 -9.77 -17.83 -9.17
N ASP A 62 -10.36 -16.80 -9.77
CA ASP A 62 -11.81 -16.73 -9.91
C ASP A 62 -12.14 -17.23 -11.32
N ASN A 63 -12.36 -18.55 -11.46
CA ASN A 63 -12.83 -19.13 -12.72
C ASN A 63 -11.92 -18.77 -13.87
N GLY A 64 -10.59 -18.88 -13.66
CA GLY A 64 -9.61 -18.63 -14.69
C GLY A 64 -8.99 -17.23 -14.64
N THR A 65 -9.50 -16.32 -13.81
CA THR A 65 -8.88 -15.01 -13.66
C THR A 65 -8.03 -15.03 -12.40
N PHE A 66 -6.70 -14.91 -12.55
CA PHE A 66 -5.77 -14.91 -11.43
C PHE A 66 -5.40 -13.51 -10.97
N ILE A 67 -5.67 -13.20 -9.70
CA ILE A 67 -5.46 -11.89 -9.11
C ILE A 67 -4.67 -12.06 -7.82
N TRP A 68 -3.83 -11.08 -7.50
CA TRP A 68 -3.17 -11.15 -6.20
C TRP A 68 -3.17 -9.78 -5.53
N ASP A 69 -2.64 -9.75 -4.31
CA ASP A 69 -2.72 -8.65 -3.34
C ASP A 69 -4.07 -8.70 -2.64
N SER A 70 -4.05 -8.91 -1.33
CA SER A 70 -5.27 -9.06 -0.54
C SER A 70 -6.25 -7.90 -0.74
N HIS A 71 -5.76 -6.67 -0.85
CA HIS A 71 -6.62 -5.49 -0.99
C HIS A 71 -7.32 -5.55 -2.34
N ALA A 72 -6.58 -5.85 -3.39
CA ALA A 72 -7.12 -5.89 -4.75
C ALA A 72 -8.13 -7.06 -4.86
N ILE A 73 -7.78 -8.18 -4.24
CA ILE A 73 -8.68 -9.33 -4.24
C ILE A 73 -9.99 -9.03 -3.55
N ALA A 74 -9.91 -8.41 -2.37
CA ALA A 74 -11.10 -8.14 -1.60
C ALA A 74 -12.02 -7.15 -2.33
N ALA A 75 -11.43 -6.10 -2.91
CA ALA A 75 -12.21 -5.11 -3.69
C ALA A 75 -12.87 -5.75 -4.91
N TYR A 76 -12.15 -6.64 -5.61
CA TYR A 76 -12.72 -7.38 -6.71
C TYR A 76 -13.90 -8.24 -6.28
N LEU A 77 -13.73 -9.01 -5.19
CA LEU A 77 -14.75 -9.95 -4.76
C LEU A 77 -16.02 -9.22 -4.38
N VAL A 78 -15.90 -8.10 -3.66
CA VAL A 78 -17.10 -7.35 -3.26
C VAL A 78 -17.81 -6.80 -4.51
N ASP A 79 -17.09 -6.10 -5.36
CA ASP A 79 -17.69 -5.56 -6.57
C ASP A 79 -18.32 -6.65 -7.44
N LYS A 80 -17.72 -7.83 -7.56
CA LYS A 80 -18.26 -8.87 -8.41
C LYS A 80 -19.43 -9.63 -7.78
N TYR A 81 -19.31 -10.02 -6.50
CA TYR A 81 -20.16 -11.05 -5.93
C TYR A 81 -21.12 -10.55 -4.88
N ALA A 82 -20.92 -9.36 -4.28
CA ALA A 82 -21.77 -8.95 -3.16
C ALA A 82 -23.16 -8.60 -3.68
N LYS A 83 -24.17 -8.79 -2.85
CA LYS A 83 -25.53 -8.39 -3.21
C LYS A 83 -25.80 -6.96 -2.74
N SER A 84 -25.03 -6.42 -1.79
CA SER A 84 -25.16 -5.02 -1.39
C SER A 84 -23.75 -4.42 -1.35
N ASP A 85 -23.64 -3.11 -1.31
CA ASP A 85 -22.30 -2.48 -1.41
C ASP A 85 -21.75 -2.05 -0.04
N GLU A 86 -22.32 -2.56 1.06
CA GLU A 86 -22.00 -2.08 2.40
C GLU A 86 -20.50 -2.22 2.70
N LEU A 87 -19.86 -3.30 2.24
CA LEU A 87 -18.44 -3.51 2.52
C LEU A 87 -17.53 -2.60 1.71
N TYR A 88 -18.03 -2.11 0.57
CA TYR A 88 -17.21 -1.38 -0.37
C TYR A 88 -18.12 -0.47 -1.20
N PRO A 89 -18.55 0.65 -0.61
CA PRO A 89 -19.60 1.49 -1.21
C PRO A 89 -19.29 1.93 -2.61
N LYS A 90 -20.34 1.95 -3.44
CA LYS A 90 -20.25 2.44 -4.80
C LYS A 90 -20.16 3.97 -4.89
N ASP A 91 -20.74 4.67 -3.93
CA ASP A 91 -20.65 6.12 -3.83
C ASP A 91 -19.16 6.51 -3.84
N LEU A 92 -18.75 7.40 -4.75
CA LEU A 92 -17.32 7.58 -4.97
C LEU A 92 -16.60 8.18 -3.76
N ALA A 93 -17.23 9.08 -3.02
CA ALA A 93 -16.61 9.68 -1.85
C ALA A 93 -16.43 8.65 -0.72
N LYS A 94 -17.46 7.84 -0.49
CA LYS A 94 -17.36 6.79 0.52
C LYS A 94 -16.31 5.76 0.10
N ARG A 95 -16.26 5.42 -1.18
CA ARG A 95 -15.27 4.48 -1.66
C ARG A 95 -13.86 5.04 -1.47
N ALA A 96 -13.68 6.36 -1.64
CA ALA A 96 -12.39 6.99 -1.44
C ALA A 96 -11.92 6.89 0.02
N ILE A 97 -12.85 6.93 1.00
CA ILE A 97 -12.48 6.74 2.39
C ILE A 97 -11.99 5.30 2.62
N VAL A 98 -12.77 4.33 2.14
CA VAL A 98 -12.36 2.93 2.27
C VAL A 98 -11.03 2.67 1.55
N ASN A 99 -10.86 3.17 0.30
CA ASN A 99 -9.61 3.01 -0.42
C ASN A 99 -8.45 3.63 0.37
N GLN A 100 -8.62 4.82 0.87
CA GLN A 100 -7.56 5.44 1.66
C GLN A 100 -7.14 4.53 2.79
N ARG A 101 -8.11 3.95 3.55
CA ARG A 101 -7.76 3.06 4.64
C ARG A 101 -7.01 1.82 4.14
N LEU A 102 -7.41 1.26 2.98
CA LEU A 102 -6.71 0.11 2.41
C LEU A 102 -5.26 0.49 2.09
N PHE A 103 -5.06 1.64 1.43
CA PHE A 103 -3.70 2.10 1.07
C PHE A 103 -2.87 2.42 2.31
N PHE A 104 -3.52 2.87 3.38
CA PHE A 104 -2.87 3.04 4.70
C PHE A 104 -2.41 1.73 5.31
N ASP A 105 -3.25 0.70 5.28
CA ASP A 105 -2.88 -0.65 5.70
C ASP A 105 -1.64 -1.08 4.94
N ALA A 106 -1.66 -0.92 3.61
CA ALA A 106 -0.58 -1.38 2.77
C ALA A 106 0.74 -0.63 3.03
N SER A 107 0.67 0.70 3.10
CA SER A 107 1.85 1.58 3.11
C SER A 107 2.41 1.82 4.49
N VAL A 108 1.59 1.67 5.55
CA VAL A 108 2.00 2.04 6.90
C VAL A 108 1.97 0.80 7.81
N ILE A 109 0.78 0.23 8.04
CA ILE A 109 0.65 -0.84 9.00
C ILE A 109 1.37 -2.10 8.56
N TYR A 110 1.00 -2.65 7.40
CA TYR A 110 1.68 -3.81 6.84
C TYR A 110 3.18 -3.53 6.70
N ALA A 111 3.53 -2.38 6.12
CA ALA A 111 4.94 -2.13 5.85
C ALA A 111 5.76 -2.13 7.14
N SER A 112 5.20 -1.55 8.22
CA SER A 112 5.91 -1.43 9.49
C SER A 112 6.18 -2.81 10.08
N ILE A 113 5.21 -3.74 10.03
CA ILE A 113 5.39 -5.05 10.61
C ILE A 113 6.20 -5.99 9.72
N ALA A 114 6.03 -5.88 8.39
CA ALA A 114 6.85 -6.64 7.46
C ALA A 114 8.32 -6.24 7.55
N ASN A 115 8.61 -4.98 7.87
CA ASN A 115 9.97 -4.51 8.07
C ASN A 115 10.66 -5.32 9.17
N VAL A 116 9.87 -5.76 10.16
CA VAL A 116 10.36 -6.55 11.28
C VAL A 116 10.47 -8.02 10.91
N SER A 117 9.42 -8.58 10.32
CA SER A 117 9.35 -10.01 10.10
C SER A 117 10.14 -10.50 8.87
N ARG A 118 10.20 -9.71 7.78
CA ARG A 118 10.83 -10.15 6.53
CA ARG A 118 10.81 -10.17 6.54
C ARG A 118 12.30 -10.52 6.75
N PRO A 119 13.11 -9.71 7.46
CA PRO A 119 14.50 -10.08 7.71
C PRO A 119 14.63 -11.39 8.49
N PHE A 120 13.62 -11.68 9.34
CA PHE A 120 13.60 -12.96 10.04
C PHE A 120 13.40 -14.11 9.05
N TRP A 121 12.33 -14.08 8.28
CA TRP A 121 12.04 -15.14 7.31
C TRP A 121 13.14 -15.29 6.24
N ILE A 122 13.73 -14.19 5.79
CA ILE A 122 14.64 -14.26 4.66
C ILE A 122 16.06 -14.59 5.14
N ASN A 123 16.51 -13.93 6.19
CA ASN A 123 17.89 -14.00 6.60
C ASN A 123 18.08 -14.48 8.05
N GLY A 124 17.02 -14.96 8.73
CA GLY A 124 17.12 -15.36 10.13
C GLY A 124 17.56 -14.25 11.08
N VAL A 125 17.28 -12.96 10.76
CA VAL A 125 17.61 -11.88 11.67
C VAL A 125 16.68 -11.90 12.91
N THR A 126 17.25 -11.90 14.12
CA THR A 126 16.51 -12.01 15.37
C THR A 126 16.72 -10.77 16.22
N GLU A 127 17.50 -9.80 15.71
CA GLU A 127 17.75 -8.55 16.41
C GLU A 127 16.98 -7.43 15.71
N VAL A 128 16.08 -6.78 16.45
CA VAL A 128 15.20 -5.79 15.87
C VAL A 128 15.63 -4.41 16.33
N PRO A 129 16.10 -3.52 15.45
CA PRO A 129 16.45 -2.16 15.85
C PRO A 129 15.24 -1.44 16.43
N GLN A 130 15.52 -0.58 17.42
CA GLN A 130 14.50 0.28 18.00
C GLN A 130 13.75 1.13 16.96
N GLU A 131 14.45 1.63 15.93
CA GLU A 131 13.82 2.40 14.87
C GLU A 131 12.60 1.65 14.28
N LYS A 132 12.69 0.35 14.10
CA LYS A 132 11.60 -0.40 13.52
C LYS A 132 10.39 -0.44 14.45
N LEU A 133 10.63 -0.54 15.76
CA LEU A 133 9.54 -0.54 16.73
C LEU A 133 8.90 0.83 16.82
N ASP A 134 9.71 1.89 16.76
CA ASP A 134 9.18 3.24 16.67
C ASP A 134 8.23 3.40 15.47
N ALA A 135 8.60 2.85 14.29
CA ALA A 135 7.76 2.99 13.11
C ALA A 135 6.41 2.27 13.34
N VAL A 136 6.42 1.12 14.00
CA VAL A 136 5.16 0.40 14.30
C VAL A 136 4.29 1.26 15.19
N HIS A 137 4.86 1.84 16.27
CA HIS A 137 4.10 2.71 17.16
C HIS A 137 3.53 3.91 16.43
N GLN A 138 4.31 4.52 15.50
CA GLN A 138 3.80 5.66 14.72
C GLN A 138 2.54 5.26 13.96
N GLY A 139 2.52 4.06 13.38
CA GLY A 139 1.36 3.58 12.65
C GLY A 139 0.16 3.36 13.55
N LEU A 140 0.40 2.78 14.74
CA LEU A 140 -0.68 2.60 15.73
C LEU A 140 -1.26 3.94 16.16
N LYS A 141 -0.42 4.96 16.34
CA LYS A 141 -0.93 6.27 16.78
C LYS A 141 -1.85 6.88 15.72
N LEU A 142 -1.47 6.70 14.43
CA LEU A 142 -2.33 7.15 13.34
C LEU A 142 -3.66 6.41 13.32
N LEU A 143 -3.63 5.08 13.49
CA LEU A 143 -4.83 4.28 13.53
C LEU A 143 -5.74 4.73 14.67
N GLU A 144 -5.14 4.97 15.84
CA GLU A 144 -5.86 5.47 17.00
C GLU A 144 -6.62 6.76 16.66
N THR A 145 -5.96 7.69 15.93
CA THR A 145 -6.60 8.91 15.52
C THR A 145 -7.67 8.62 14.48
N PHE A 146 -7.44 7.71 13.53
CA PHE A 146 -8.44 7.45 12.52
C PHE A 146 -9.73 6.91 13.10
N LEU A 147 -9.61 6.10 14.16
CA LEU A 147 -10.77 5.47 14.69
C LEU A 147 -11.70 6.52 15.29
N GLY A 148 -11.15 7.55 15.95
CA GLY A 148 -11.98 8.69 16.36
C GLY A 148 -13.07 8.20 17.29
N ASN A 149 -14.31 8.62 17.04
CA ASN A 149 -15.41 8.12 17.85
C ASN A 149 -16.30 7.15 17.09
N SER A 150 -15.82 6.62 15.95
CA SER A 150 -16.59 5.74 15.08
C SER A 150 -16.24 4.29 15.47
N PRO A 151 -17.17 3.33 15.47
CA PRO A 151 -16.85 1.97 15.87
C PRO A 151 -15.91 1.23 14.91
N TYR A 152 -15.95 1.58 13.61
CA TYR A 152 -15.16 0.86 12.60
C TYR A 152 -14.22 1.82 11.89
N LEU A 153 -13.26 1.30 11.09
CA LEU A 153 -12.20 2.15 10.61
C LEU A 153 -12.64 3.18 9.59
N ALA A 154 -13.74 2.90 8.85
CA ALA A 154 -14.24 3.84 7.89
C ALA A 154 -15.55 4.49 8.33
N GLY A 155 -16.00 4.25 9.55
CA GLY A 155 -17.20 4.92 10.04
C GLY A 155 -18.08 4.02 10.88
N ASP A 156 -19.40 4.13 10.69
CA ASP A 156 -20.33 3.42 11.53
C ASP A 156 -20.55 1.97 11.14
N SER A 157 -20.13 1.55 9.93
CA SER A 157 -20.34 0.20 9.44
C SER A 157 -18.99 -0.46 9.16
N LEU A 158 -18.96 -1.77 9.31
CA LEU A 158 -17.79 -2.57 8.98
C LEU A 158 -17.63 -2.59 7.46
N THR A 159 -16.39 -2.42 7.02
CA THR A 159 -16.06 -2.37 5.61
C THR A 159 -14.79 -3.21 5.34
N LEU A 160 -14.39 -3.26 4.07
CA LEU A 160 -13.09 -3.86 3.74
C LEU A 160 -11.93 -3.21 4.51
N ALA A 161 -12.11 -1.97 4.97
CA ALA A 161 -11.06 -1.32 5.77
C ALA A 161 -10.72 -2.17 7.00
N ASP A 162 -11.77 -2.69 7.67
CA ASP A 162 -11.59 -3.49 8.87
C ASP A 162 -11.10 -4.90 8.56
N LEU A 163 -11.63 -5.51 7.49
CA LEU A 163 -11.24 -6.87 7.13
C LEU A 163 -9.78 -6.91 6.67
N SER A 164 -9.26 -5.81 6.15
CA SER A 164 -7.84 -5.71 5.75
C SER A 164 -6.93 -5.38 6.94
N THR A 165 -7.29 -4.31 7.67
CA THR A 165 -6.41 -3.79 8.70
C THR A 165 -6.46 -4.60 9.98
N GLY A 166 -7.64 -5.11 10.37
CA GLY A 166 -7.78 -5.92 11.59
C GLY A 166 -6.76 -7.05 11.66
N PRO A 167 -6.70 -7.92 10.63
CA PRO A 167 -5.71 -9.00 10.62
C PRO A 167 -4.27 -8.50 10.68
N THR A 168 -3.96 -7.42 9.96
CA THR A 168 -2.57 -6.92 9.96
C THR A 168 -2.21 -6.50 11.39
N VAL A 169 -3.14 -5.79 12.04
CA VAL A 169 -2.88 -5.33 13.39
C VAL A 169 -2.77 -6.50 14.36
N SER A 170 -3.48 -7.60 14.10
CA SER A 170 -3.32 -8.81 14.92
C SER A 170 -1.93 -9.44 14.84
N ALA A 171 -1.11 -9.09 13.85
CA ALA A 171 0.28 -9.54 13.77
C ALA A 171 1.28 -8.63 14.49
N VAL A 172 0.89 -7.37 14.74
CA VAL A 172 1.74 -6.36 15.34
C VAL A 172 2.29 -6.82 16.69
N PRO A 173 1.54 -7.52 17.56
CA PRO A 173 2.09 -7.99 18.82
C PRO A 173 3.23 -8.98 18.74
N ALA A 174 3.54 -9.44 17.55
CA ALA A 174 4.78 -10.21 17.38
C ALA A 174 5.97 -9.34 17.79
N ALA A 175 5.89 -8.03 17.57
CA ALA A 175 7.00 -7.14 17.81
C ALA A 175 6.72 -6.13 18.91
N VAL A 176 5.48 -5.63 19.01
CA VAL A 176 5.19 -4.56 19.94
C VAL A 176 3.97 -5.01 20.74
N ASP A 177 3.93 -4.60 22.01
CA ASP A 177 2.74 -4.76 22.83
C ASP A 177 1.78 -3.62 22.51
N ILE A 178 0.52 -3.94 22.23
CA ILE A 178 -0.49 -2.91 22.07
C ILE A 178 -1.14 -2.71 23.44
N ASP A 179 -0.53 -1.84 24.22
CA ASP A 179 -0.94 -1.49 25.56
C ASP A 179 -2.32 -0.84 25.51
N PRO A 180 -3.40 -1.37 26.15
CA PRO A 180 -4.70 -0.72 26.07
C PRO A 180 -4.77 0.70 26.60
N ALA A 181 -3.97 1.01 27.64
CA ALA A 181 -3.93 2.37 28.16
C ALA A 181 -3.27 3.35 27.18
N THR A 182 -2.39 2.88 26.28
CA THR A 182 -1.80 3.77 25.27
C THR A 182 -2.65 3.86 24.01
N TYR A 183 -3.27 2.76 23.60
CA TYR A 183 -4.07 2.68 22.39
C TYR A 183 -5.49 2.16 22.69
N PRO A 184 -6.30 2.89 23.48
CA PRO A 184 -7.62 2.40 23.84
C PRO A 184 -8.57 2.27 22.66
N LYS A 185 -8.50 3.17 21.66
CA LYS A 185 -9.42 3.03 20.53
C LYS A 185 -9.04 1.83 19.64
N VAL A 186 -7.75 1.61 19.41
CA VAL A 186 -7.33 0.41 18.69
C VAL A 186 -7.81 -0.84 19.43
N THR A 187 -7.58 -0.88 20.75
CA THR A 187 -7.94 -2.03 21.55
C THR A 187 -9.44 -2.30 21.44
N ALA A 188 -10.25 -1.27 21.60
CA ALA A 188 -11.70 -1.42 21.58
C ALA A 188 -12.18 -1.92 20.21
N TRP A 189 -11.56 -1.41 19.15
CA TRP A 189 -11.86 -1.84 17.78
C TRP A 189 -11.49 -3.31 17.55
N LEU A 190 -10.28 -3.71 17.97
CA LEU A 190 -9.91 -5.11 17.85
C LEU A 190 -10.89 -5.99 18.62
N ASP A 191 -11.29 -5.60 19.85
CA ASP A 191 -12.28 -6.35 20.63
C ASP A 191 -13.64 -6.40 19.93
N ARG A 192 -14.05 -5.29 19.29
CA ARG A 192 -15.30 -5.22 18.55
C ARG A 192 -15.30 -6.20 17.38
N LEU A 193 -14.18 -6.29 16.63
CA LEU A 193 -14.11 -7.25 15.55
C LEU A 193 -14.29 -8.67 16.12
N ASN A 194 -13.63 -8.93 17.24
CA ASN A 194 -13.68 -10.28 17.83
C ASN A 194 -15.04 -10.66 18.41
N LYS A 195 -15.94 -9.70 18.50
CA LYS A 195 -17.31 -9.97 18.90
C LYS A 195 -18.12 -10.48 17.72
N LEU A 196 -17.57 -10.45 16.49
CA LEU A 196 -18.24 -11.06 15.36
C LEU A 196 -17.77 -12.52 15.28
N PRO A 197 -18.64 -13.53 15.52
CA PRO A 197 -18.16 -14.91 15.56
C PRO A 197 -17.34 -15.34 14.34
N TYR A 198 -17.76 -14.99 13.12
CA TYR A 198 -17.04 -15.44 11.94
C TYR A 198 -15.62 -14.84 11.95
N TYR A 199 -15.45 -13.64 12.51
CA TYR A 199 -14.14 -12.97 12.49
C TYR A 199 -13.19 -13.69 13.43
N LYS A 200 -13.66 -13.91 14.67
CA LYS A 200 -12.84 -14.57 15.67
C LYS A 200 -12.47 -15.98 15.25
N GLU A 201 -13.44 -16.67 14.64
CA GLU A 201 -13.20 -18.04 14.18
C GLU A 201 -12.09 -18.07 13.12
N ILE A 202 -12.07 -17.13 12.21
CA ILE A 202 -11.06 -17.16 11.17
C ILE A 202 -9.72 -16.61 11.67
N ASN A 203 -9.77 -15.54 12.48
CA ASN A 203 -8.57 -14.73 12.73
C ASN A 203 -7.78 -15.17 13.97
N GLU A 204 -8.49 -15.54 15.07
CA GLU A 204 -7.86 -15.43 16.37
C GLU A 204 -6.79 -16.51 16.62
N ALA A 205 -7.10 -17.78 16.39
CA ALA A 205 -6.12 -18.83 16.68
C ALA A 205 -4.88 -18.70 15.78
N PRO A 206 -5.02 -18.53 14.47
CA PRO A 206 -3.85 -18.29 13.63
C PRO A 206 -3.04 -17.08 14.03
N ALA A 207 -3.69 -15.99 14.45
CA ALA A 207 -2.95 -14.82 14.88
C ALA A 207 -2.13 -15.14 16.14
N GLN A 208 -2.73 -15.87 17.07
CA GLN A 208 -2.02 -16.22 18.31
C GLN A 208 -0.81 -17.11 17.98
N SER A 209 -0.97 -18.03 17.03
CA SER A 209 0.10 -18.96 16.66
C SER A 209 1.29 -18.20 16.11
N TYR A 210 0.98 -17.22 15.22
CA TYR A 210 2.02 -16.40 14.60
C TYR A 210 2.76 -15.55 15.61
N VAL A 211 2.02 -14.90 16.52
CA VAL A 211 2.63 -14.01 17.49
C VAL A 211 3.55 -14.82 18.43
N ALA A 212 3.02 -15.94 18.94
CA ALA A 212 3.80 -16.78 19.86
C ALA A 212 5.08 -17.29 19.20
N PHE A 213 4.99 -17.70 17.95
CA PHE A 213 6.13 -18.16 17.18
C PHE A 213 7.22 -17.09 17.11
N LEU A 214 6.89 -15.88 16.57
CA LEU A 214 7.90 -14.86 16.39
C LEU A 214 8.44 -14.37 17.74
N ARG A 215 7.58 -14.25 18.74
CA ARG A 215 8.06 -13.84 20.05
C ARG A 215 9.07 -14.85 20.63
N SER A 216 8.95 -16.12 20.30
CA SER A 216 9.92 -17.12 20.73
C SER A 216 11.27 -16.96 20.01
N LYS A 217 11.38 -16.12 18.96
CA LYS A 217 12.59 -16.08 18.13
C LYS A 217 13.49 -14.92 18.50
N TRP A 218 12.92 -13.80 18.95
CA TRP A 218 13.70 -12.57 19.05
C TRP A 218 14.84 -12.72 20.07
N THR A 219 16.02 -12.20 19.74
CA THR A 219 17.12 -12.17 20.70
C THR A 219 17.34 -10.77 21.22
N LYS A 220 16.85 -9.75 20.47
CA LYS A 220 16.86 -8.40 20.95
C LYS A 220 15.71 -7.66 20.27
N LEU A 221 14.90 -7.03 21.10
CA LEU A 221 13.75 -6.28 20.64
C LEU A 221 13.96 -4.84 20.99
N GLY A 222 14.57 -4.07 20.08
CA GLY A 222 14.84 -2.68 20.36
C GLY A 222 15.85 -2.47 21.50
N ASP A 223 15.81 -1.24 22.03
CA ASP A 223 16.61 -0.78 23.17
C ASP A 223 15.76 -0.89 24.45
N SER B 4 -13.62 24.90 -11.49
CA SER B 4 -13.81 23.47 -11.13
C SER B 4 -14.33 23.31 -9.72
N GLY B 5 -13.87 24.17 -8.77
CA GLY B 5 -14.02 23.99 -7.33
C GLY B 5 -13.10 22.87 -6.76
N ILE B 6 -12.11 22.43 -7.54
CA ILE B 6 -11.16 21.42 -7.06
C ILE B 6 -9.95 22.16 -6.51
N VAL B 7 -9.48 21.77 -5.31
CA VAL B 7 -8.25 22.28 -4.75
C VAL B 7 -7.30 21.13 -4.39
N LEU B 8 -6.05 21.21 -4.83
CA LEU B 8 -5.02 20.24 -4.47
C LEU B 8 -4.09 20.91 -3.46
N TYR B 9 -3.90 20.24 -2.32
CA TYR B 9 -2.92 20.61 -1.31
C TYR B 9 -1.70 19.77 -1.52
N GLY B 10 -0.55 20.41 -1.69
CA GLY B 10 0.64 19.65 -2.00
C GLY B 10 1.92 20.44 -1.97
N THR B 11 2.98 19.71 -2.32
CA THR B 11 4.30 20.26 -2.53
C THR B 11 4.91 19.51 -3.71
N ASP B 12 5.64 20.20 -4.60
CA ASP B 12 6.03 19.60 -5.87
C ASP B 12 7.10 18.54 -5.70
N LEU B 13 7.90 18.57 -4.62
CA LEU B 13 8.96 17.60 -4.47
C LEU B 13 8.47 16.22 -3.97
N SER B 14 7.18 16.11 -3.65
CA SER B 14 6.59 14.85 -3.24
C SER B 14 6.14 14.08 -4.48
N PRO B 15 6.62 12.85 -4.73
CA PRO B 15 6.15 12.02 -5.85
C PRO B 15 4.65 11.72 -5.73
N CYS B 16 4.16 11.52 -4.51
CA CYS B 16 2.73 11.26 -4.26
C CYS B 16 1.85 12.42 -4.77
N VAL B 17 2.30 13.65 -4.51
CA VAL B 17 1.63 14.85 -5.00
C VAL B 17 1.68 14.88 -6.53
N ARG B 18 2.86 14.57 -7.12
CA ARG B 18 2.97 14.60 -8.57
C ARG B 18 2.05 13.59 -9.25
N THR B 19 1.83 12.41 -8.64
CA THR B 19 0.82 11.48 -9.14
C THR B 19 -0.52 12.18 -9.37
N VAL B 20 -0.95 12.98 -8.39
CA VAL B 20 -2.22 13.67 -8.50
C VAL B 20 -2.20 14.80 -9.54
N LYS B 21 -1.10 15.53 -9.60
CA LYS B 21 -0.98 16.53 -10.66
C LYS B 21 -1.05 15.92 -12.05
N LEU B 22 -0.38 14.77 -12.24
CA LEU B 22 -0.43 14.05 -13.49
C LEU B 22 -1.85 13.60 -13.85
N THR B 23 -2.58 13.10 -12.87
CA THR B 23 -3.95 12.65 -13.07
C THR B 23 -4.87 13.81 -13.49
N LEU B 24 -4.77 14.92 -12.76
CA LEU B 24 -5.50 16.16 -13.07
C LEU B 24 -5.19 16.66 -14.48
N LYS B 25 -3.93 16.52 -14.88
CA LYS B 25 -3.49 16.96 -16.19
C LYS B 25 -4.09 16.08 -17.30
N VAL B 26 -4.01 14.75 -17.17
CA VAL B 26 -4.51 13.86 -18.21
CA VAL B 26 -4.51 13.87 -18.22
C VAL B 26 -6.03 13.99 -18.31
N LEU B 27 -6.72 14.31 -17.22
CA LEU B 27 -8.16 14.47 -17.25
C LEU B 27 -8.58 15.88 -17.71
N ASN B 28 -7.60 16.77 -17.94
CA ASN B 28 -7.81 18.16 -18.33
C ASN B 28 -8.67 18.90 -17.34
N LEU B 29 -8.47 18.64 -16.04
CA LEU B 29 -9.24 19.33 -15.00
C LEU B 29 -8.46 20.57 -14.54
N ASP B 30 -9.16 21.70 -14.46
CA ASP B 30 -8.61 22.89 -13.82
C ASP B 30 -8.71 22.75 -12.30
N TYR B 31 -7.75 23.30 -11.58
CA TYR B 31 -7.81 23.24 -10.14
C TYR B 31 -6.97 24.36 -9.57
N GLU B 32 -7.19 24.65 -8.29
CA GLU B 32 -6.32 25.56 -7.57
C GLU B 32 -5.27 24.71 -6.81
N TYR B 33 -4.00 25.07 -6.96
CA TYR B 33 -2.92 24.37 -6.29
C TYR B 33 -2.53 25.16 -5.05
N LYS B 34 -2.77 24.61 -3.86
CA LYS B 34 -2.38 25.27 -2.62
C LYS B 34 -1.12 24.59 -2.11
N GLU B 35 -0.04 25.34 -2.16
CA GLU B 35 1.23 24.84 -1.68
C GLU B 35 1.19 24.70 -0.15
N VAL B 36 1.61 23.55 0.35
CA VAL B 36 1.65 23.29 1.78
C VAL B 36 3.12 23.26 2.13
N ASN B 37 3.53 24.13 3.04
CA ASN B 37 4.94 24.21 3.42
C ASN B 37 5.24 23.23 4.56
N LEU B 38 5.70 22.04 4.18
CA LEU B 38 5.97 20.96 5.12
C LEU B 38 7.08 21.39 6.09
N GLN B 39 8.09 22.11 5.60
CA GLN B 39 9.21 22.58 6.43
C GLN B 39 8.73 23.52 7.54
N ALA B 40 7.65 24.27 7.31
CA ALA B 40 7.08 25.13 8.33
C ALA B 40 6.02 24.43 9.16
N GLY B 41 5.75 23.14 8.89
CA GLY B 41 4.75 22.42 9.66
C GLY B 41 3.32 22.81 9.30
N GLU B 42 3.05 23.28 8.09
CA GLU B 42 1.69 23.68 7.73
C GLU B 42 0.77 22.46 7.67
N HIS B 43 1.32 21.26 7.42
CA HIS B 43 0.53 20.01 7.42
C HIS B 43 0.12 19.55 8.82
N LEU B 44 0.69 20.21 9.88
CA LEU B 44 0.44 19.83 11.26
C LEU B 44 -0.43 20.87 11.96
N SER B 45 -0.95 21.85 11.22
CA SER B 45 -1.82 22.83 11.83
C SER B 45 -3.18 22.21 12.16
N GLU B 46 -3.91 22.85 13.08
CA GLU B 46 -5.19 22.31 13.54
C GLU B 46 -6.17 22.22 12.37
N GLU B 47 -6.19 23.24 11.47
CA GLU B 47 -7.14 23.26 10.37
C GLU B 47 -6.85 22.11 9.39
N TYR B 48 -5.56 21.85 9.15
CA TYR B 48 -5.17 20.83 8.18
C TYR B 48 -5.53 19.44 8.73
N VAL B 49 -5.13 19.16 10.00
CA VAL B 49 -5.28 17.84 10.56
C VAL B 49 -6.77 17.52 10.81
N LYS B 50 -7.63 18.53 10.93
CA LYS B 50 -9.06 18.28 11.02
C LYS B 50 -9.57 17.65 9.72
N LYS B 51 -8.98 18.01 8.57
CA LYS B 51 -9.40 17.47 7.30
C LYS B 51 -8.65 16.17 6.99
N ASN B 52 -7.36 16.14 7.34
CA ASN B 52 -6.51 14.97 7.10
C ASN B 52 -5.75 14.63 8.37
N PRO B 53 -6.30 13.73 9.22
CA PRO B 53 -5.61 13.35 10.45
C PRO B 53 -4.29 12.65 10.20
N GLN B 54 -3.99 12.20 8.96
CA GLN B 54 -2.70 11.55 8.72
C GLN B 54 -1.62 12.64 8.51
N HIS B 55 -2.06 13.90 8.34
CA HIS B 55 -1.14 15.05 8.15
C HIS B 55 -0.17 14.77 7.01
N THR B 56 -0.73 14.36 5.86
CA THR B 56 0.06 14.14 4.66
C THR B 56 -0.39 15.06 3.53
N VAL B 57 0.51 15.21 2.56
CA VAL B 57 0.12 15.65 1.24
C VAL B 57 0.30 14.47 0.30
N PRO B 58 -0.46 14.33 -0.80
CA PRO B 58 -1.49 15.28 -1.22
C PRO B 58 -2.80 15.11 -0.44
N MET B 59 -3.59 16.19 -0.41
CA MET B 59 -4.99 16.12 -0.07
C MET B 59 -5.76 16.87 -1.17
N LEU B 60 -6.91 16.33 -1.51
CA LEU B 60 -7.78 16.92 -2.52
C LEU B 60 -9.09 17.35 -1.88
N ASP B 61 -9.52 18.56 -2.25
CA ASP B 61 -10.86 19.04 -1.93
C ASP B 61 -11.61 19.15 -3.25
N ASP B 62 -12.54 18.23 -3.50
CA ASP B 62 -13.37 18.25 -4.68
C ASP B 62 -14.71 18.85 -4.27
N ASN B 63 -14.82 20.19 -4.35
CA ASN B 63 -16.09 20.88 -4.09
C ASN B 63 -16.69 20.52 -2.73
N GLY B 64 -15.86 20.52 -1.68
CA GLY B 64 -16.33 20.21 -0.34
C GLY B 64 -16.09 18.76 0.13
N THR B 65 -15.66 17.86 -0.76
CA THR B 65 -15.31 16.50 -0.36
C THR B 65 -13.78 16.40 -0.21
N PHE B 66 -13.30 16.18 1.01
CA PHE B 66 -11.85 16.10 1.27
C PHE B 66 -11.38 14.65 1.31
N ILE B 67 -10.39 14.31 0.47
CA ILE B 67 -9.86 12.95 0.44
CA ILE B 67 -9.86 12.95 0.29
C ILE B 67 -8.35 13.03 0.42
N TRP B 68 -7.73 11.99 0.92
CA TRP B 68 -6.28 11.93 0.84
C TRP B 68 -5.80 10.54 0.47
N ASP B 69 -4.46 10.44 0.30
CA ASP B 69 -3.72 9.31 -0.25
C ASP B 69 -3.76 9.42 -1.78
N SER B 70 -2.61 9.58 -2.41
CA SER B 70 -2.51 9.78 -3.84
C SER B 70 -3.21 8.69 -4.65
N HIS B 71 -3.16 7.40 -4.17
CA HIS B 71 -3.74 6.32 -4.95
C HIS B 71 -5.28 6.47 -4.91
N ALA B 72 -5.82 6.70 -3.71
CA ALA B 72 -7.24 6.90 -3.50
C ALA B 72 -7.76 8.14 -4.26
N ILE B 73 -6.98 9.20 -4.22
CA ILE B 73 -7.36 10.43 -4.94
C ILE B 73 -7.43 10.16 -6.45
N ALA B 74 -6.41 9.54 -7.01
CA ALA B 74 -6.32 9.28 -8.45
C ALA B 74 -7.47 8.37 -8.92
N ALA B 75 -7.80 7.33 -8.14
CA ALA B 75 -8.91 6.44 -8.47
C ALA B 75 -10.24 7.20 -8.44
N TYR B 76 -10.41 8.04 -7.43
CA TYR B 76 -11.60 8.86 -7.33
C TYR B 76 -11.75 9.76 -8.57
N LEU B 77 -10.67 10.46 -8.90
CA LEU B 77 -10.73 11.44 -9.97
C LEU B 77 -11.09 10.79 -11.30
N VAL B 78 -10.51 9.62 -11.61
CA VAL B 78 -10.82 8.97 -12.88
C VAL B 78 -12.28 8.51 -12.90
N ASP B 79 -12.73 7.84 -11.84
CA ASP B 79 -14.11 7.37 -11.83
C ASP B 79 -15.08 8.55 -11.86
N LYS B 80 -14.77 9.67 -11.23
CA LYS B 80 -15.72 10.78 -11.17
C LYS B 80 -15.70 11.58 -12.48
N TYR B 81 -14.52 11.83 -13.04
CA TYR B 81 -14.39 12.91 -14.01
C TYR B 81 -14.00 12.46 -15.40
N ALA B 82 -13.49 11.24 -15.59
CA ALA B 82 -12.96 10.86 -16.89
C ALA B 82 -14.10 10.66 -17.90
N LYS B 83 -13.77 10.94 -19.16
CA LYS B 83 -14.64 10.66 -20.31
C LYS B 83 -14.62 9.16 -20.65
N SER B 84 -13.45 8.52 -20.55
CA SER B 84 -13.26 7.10 -20.83
C SER B 84 -12.55 6.44 -19.66
N ASP B 85 -12.56 5.12 -19.59
CA ASP B 85 -12.05 4.41 -18.42
C ASP B 85 -10.64 3.86 -18.66
N GLU B 86 -9.93 4.32 -19.68
CA GLU B 86 -8.63 3.79 -20.05
C GLU B 86 -7.62 3.82 -18.88
N LEU B 87 -7.63 4.87 -18.07
CA LEU B 87 -6.64 4.97 -16.98
C LEU B 87 -6.97 4.03 -15.81
N TYR B 88 -8.25 3.65 -15.71
CA TYR B 88 -8.74 2.91 -14.56
C TYR B 88 -9.97 2.13 -14.98
N PRO B 89 -9.75 1.02 -15.69
CA PRO B 89 -10.83 0.28 -16.35
C PRO B 89 -11.94 -0.11 -15.40
N LYS B 90 -13.17 -0.03 -15.92
CA LYS B 90 -14.36 -0.48 -15.21
C LYS B 90 -14.51 -2.01 -15.18
N ASP B 91 -13.93 -2.71 -16.16
CA ASP B 91 -13.93 -4.15 -16.15
C ASP B 91 -13.23 -4.60 -14.86
N LEU B 92 -13.86 -5.51 -14.09
CA LEU B 92 -13.35 -5.77 -12.74
C LEU B 92 -12.01 -6.49 -12.76
N ALA B 93 -11.75 -7.40 -13.72
CA ALA B 93 -10.46 -8.05 -13.79
C ALA B 93 -9.33 -7.07 -14.17
N LYS B 94 -9.58 -6.17 -15.11
CA LYS B 94 -8.59 -5.18 -15.47
C LYS B 94 -8.36 -4.22 -14.31
N ARG B 95 -9.44 -3.84 -13.62
CA ARG B 95 -9.33 -2.96 -12.45
C ARG B 95 -8.47 -3.64 -11.37
N ALA B 96 -8.61 -4.96 -11.21
CA ALA B 96 -7.87 -5.68 -10.20
C ALA B 96 -6.36 -5.66 -10.49
N ILE B 97 -5.97 -5.65 -11.76
CA ILE B 97 -4.56 -5.58 -12.13
C ILE B 97 -4.02 -4.19 -11.81
N VAL B 98 -4.77 -3.13 -12.17
CA VAL B 98 -4.34 -1.78 -11.88
C VAL B 98 -4.30 -1.56 -10.36
N ASN B 99 -5.30 -2.04 -9.60
CA ASN B 99 -5.30 -1.95 -8.16
C ASN B 99 -4.10 -2.69 -7.56
N GLN B 100 -3.83 -3.92 -8.00
CA GLN B 100 -2.66 -4.64 -7.51
C GLN B 100 -1.41 -3.77 -7.67
N ARG B 101 -1.22 -3.19 -8.85
CA ARG B 101 -0.06 -2.33 -9.08
C ARG B 101 -0.03 -1.15 -8.09
N LEU B 102 -1.17 -0.48 -7.86
CA LEU B 102 -1.23 0.63 -6.91
C LEU B 102 -0.85 0.14 -5.49
N PHE B 103 -1.41 -1.01 -5.05
CA PHE B 103 -1.07 -1.53 -3.71
C PHE B 103 0.40 -1.96 -3.60
N PHE B 104 0.97 -2.40 -4.72
CA PHE B 104 2.41 -2.69 -4.83
C PHE B 104 3.26 -1.43 -4.71
N ASP B 105 2.88 -0.36 -5.38
CA ASP B 105 3.52 0.95 -5.20
C ASP B 105 3.51 1.32 -3.70
N ALA B 106 2.35 1.20 -3.05
CA ALA B 106 2.19 1.65 -1.68
C ALA B 106 3.03 0.77 -0.71
N SER B 107 2.96 -0.55 -0.84
CA SER B 107 3.46 -1.49 0.17
C SER B 107 4.92 -1.87 -0.09
N VAL B 108 5.44 -1.67 -1.30
CA VAL B 108 6.78 -2.13 -1.66
C VAL B 108 7.65 -0.92 -2.09
N ILE B 109 7.31 -0.28 -3.20
CA ILE B 109 8.17 0.76 -3.77
C ILE B 109 8.24 1.97 -2.85
N TYR B 110 7.09 2.60 -2.56
CA TYR B 110 7.02 3.72 -1.68
C TYR B 110 7.58 3.34 -0.31
N ALA B 111 7.20 2.19 0.26
CA ALA B 111 7.61 1.86 1.61
C ALA B 111 9.14 1.72 1.66
N SER B 112 9.72 1.17 0.59
CA SER B 112 11.19 0.94 0.57
C SER B 112 11.93 2.27 0.59
N ILE B 113 11.49 3.26 -0.19
CA ILE B 113 12.19 4.53 -0.27
C ILE B 113 11.86 5.44 0.90
N ALA B 114 10.63 5.40 1.42
CA ALA B 114 10.28 6.12 2.64
C ALA B 114 11.06 5.60 3.85
N ASN B 115 11.41 4.32 3.87
CA ASN B 115 12.18 3.72 4.95
C ASN B 115 13.56 4.42 5.02
N VAL B 116 14.07 4.88 3.87
CA VAL B 116 15.33 5.60 3.75
C VAL B 116 15.17 7.08 4.08
N SER B 117 14.17 7.74 3.49
CA SER B 117 14.04 9.18 3.62
C SER B 117 13.41 9.65 4.93
N ARG B 118 12.47 8.89 5.51
CA ARG B 118 11.71 9.36 6.67
C ARG B 118 12.65 9.63 7.85
N PRO B 119 13.62 8.75 8.16
CA PRO B 119 14.52 9.00 9.27
C PRO B 119 15.36 10.25 9.05
N PHE B 120 15.61 10.58 7.76
CA PHE B 120 16.29 11.84 7.46
C PHE B 120 15.43 13.04 7.84
N TRP B 121 14.21 13.11 7.33
CA TRP B 121 13.33 14.23 7.58
C TRP B 121 12.92 14.33 9.06
N ILE B 122 12.75 13.21 9.77
CA ILE B 122 12.24 13.25 11.13
C ILE B 122 13.38 13.47 12.11
N ASN B 123 14.48 12.73 11.94
CA ASN B 123 15.52 12.69 12.93
C ASN B 123 16.89 13.08 12.42
N GLY B 124 17.01 13.59 11.18
CA GLY B 124 18.30 13.93 10.60
C GLY B 124 19.25 12.74 10.47
N VAL B 125 18.75 11.51 10.30
CA VAL B 125 19.65 10.37 10.08
C VAL B 125 20.23 10.41 8.66
N THR B 126 21.57 10.32 8.54
CA THR B 126 22.28 10.43 7.29
C THR B 126 23.05 9.17 6.99
N GLU B 127 22.96 8.16 7.88
CA GLU B 127 23.61 6.88 7.68
C GLU B 127 22.55 5.83 7.34
N VAL B 128 22.67 5.23 6.16
CA VAL B 128 21.63 4.35 5.64
C VAL B 128 22.16 2.92 5.72
N PRO B 129 21.56 2.03 6.55
CA PRO B 129 21.98 0.63 6.57
C PRO B 129 21.84 -0.03 5.20
N GLN B 130 22.77 -0.93 4.89
CA GLN B 130 22.71 -1.74 3.69
C GLN B 130 21.37 -2.49 3.54
N GLU B 131 20.78 -3.01 4.64
CA GLU B 131 19.51 -3.71 4.57
C GLU B 131 18.45 -2.87 3.85
N LYS B 132 18.42 -1.57 4.08
CA LYS B 132 17.42 -0.71 3.48
C LYS B 132 17.64 -0.61 1.98
N LEU B 133 18.90 -0.60 1.53
CA LEU B 133 19.19 -0.56 0.11
C LEU B 133 18.84 -1.87 -0.57
N ASP B 134 19.11 -2.98 0.12
CA ASP B 134 18.71 -4.28 -0.38
C ASP B 134 17.18 -4.35 -0.60
N ALA B 135 16.40 -3.78 0.31
CA ALA B 135 14.95 -3.81 0.20
C ALA B 135 14.52 -3.02 -1.05
N VAL B 136 15.13 -1.86 -1.31
CA VAL B 136 14.83 -1.08 -2.51
C VAL B 136 15.12 -1.89 -3.77
N HIS B 137 16.30 -2.57 -3.84
CA HIS B 137 16.66 -3.41 -4.97
C HIS B 137 15.64 -4.55 -5.16
N GLN B 138 15.19 -5.18 -4.06
CA GLN B 138 14.21 -6.25 -4.17
C GLN B 138 12.92 -5.73 -4.80
N GLY B 139 12.49 -4.51 -4.43
CA GLY B 139 11.33 -3.92 -5.06
C GLY B 139 11.52 -3.66 -6.55
N LEU B 140 12.69 -3.12 -6.94
CA LEU B 140 12.98 -2.90 -8.35
C LEU B 140 13.00 -4.21 -9.16
N LYS B 141 13.54 -5.27 -8.59
CA LYS B 141 13.56 -6.57 -9.25
C LYS B 141 12.17 -7.07 -9.57
N LEU B 142 11.24 -6.89 -8.61
CA LEU B 142 9.85 -7.25 -8.84
C LEU B 142 9.21 -6.38 -9.90
N LEU B 143 9.48 -5.06 -9.89
CA LEU B 143 8.95 -4.17 -10.90
C LEU B 143 9.44 -4.58 -12.30
N GLU B 144 10.74 -4.88 -12.38
CA GLU B 144 11.34 -5.38 -13.61
C GLU B 144 10.59 -6.61 -14.14
N THR B 145 10.21 -7.54 -13.25
CA THR B 145 9.46 -8.71 -13.68
C THR B 145 8.05 -8.32 -14.09
N PHE B 146 7.42 -7.39 -13.37
CA PHE B 146 6.08 -6.98 -13.76
C PHE B 146 6.04 -6.39 -15.16
N LEU B 147 7.05 -5.58 -15.49
CA LEU B 147 7.03 -4.87 -16.75
C LEU B 147 7.08 -5.89 -17.87
N GLY B 148 7.95 -6.90 -17.76
CA GLY B 148 8.07 -7.96 -18.75
C GLY B 148 8.25 -7.33 -20.14
N ASN B 149 7.44 -7.73 -21.11
CA ASN B 149 7.60 -7.15 -22.45
C ASN B 149 6.51 -6.14 -22.77
N SER B 150 5.66 -5.78 -21.78
CA SER B 150 4.59 -4.81 -21.98
C SER B 150 5.18 -3.40 -21.82
N PRO B 151 4.78 -2.40 -22.61
CA PRO B 151 5.38 -1.08 -22.47
C PRO B 151 5.02 -0.34 -21.17
N TYR B 152 3.85 -0.63 -20.59
CA TYR B 152 3.41 0.06 -19.37
C TYR B 152 3.18 -0.95 -18.25
N LEU B 153 2.97 -0.46 -17.01
CA LEU B 153 3.03 -1.35 -15.87
C LEU B 153 1.86 -2.32 -15.81
N ALA B 154 0.70 -1.92 -16.36
CA ALA B 154 -0.46 -2.79 -16.37
C ALA B 154 -0.76 -3.37 -17.75
N GLY B 155 0.10 -3.14 -18.73
CA GLY B 155 -0.07 -3.77 -20.04
C GLY B 155 0.27 -2.79 -21.16
N ASP B 156 -0.54 -2.77 -22.21
CA ASP B 156 -0.18 -2.04 -23.41
C ASP B 156 -0.54 -0.57 -23.35
N SER B 157 -1.38 -0.14 -22.41
CA SER B 157 -1.83 1.24 -22.28
C SER B 157 -1.36 1.81 -20.94
N LEU B 158 -1.12 3.12 -20.93
CA LEU B 158 -0.80 3.83 -19.70
C LEU B 158 -2.04 3.88 -18.81
N THR B 159 -1.81 3.67 -17.51
CA THR B 159 -2.89 3.65 -16.53
C THR B 159 -2.43 4.39 -15.26
N LEU B 160 -3.33 4.44 -14.26
CA LEU B 160 -2.95 4.94 -12.94
C LEU B 160 -1.75 4.19 -12.37
N ALA B 161 -1.53 2.93 -12.77
CA ALA B 161 -0.37 2.17 -12.32
C ALA B 161 0.92 2.96 -12.62
N ASP B 162 1.02 3.53 -13.83
CA ASP B 162 2.23 4.26 -14.23
C ASP B 162 2.30 5.65 -13.58
N LEU B 163 1.16 6.34 -13.49
CA LEU B 163 1.16 7.69 -12.94
C LEU B 163 1.49 7.65 -11.44
N SER B 164 1.19 6.51 -10.74
CA SER B 164 1.53 6.34 -9.33
C SER B 164 2.97 5.88 -9.16
N THR B 165 3.35 4.82 -9.87
CA THR B 165 4.64 4.19 -9.64
C THR B 165 5.80 4.93 -10.29
N GLY B 166 5.59 5.55 -11.47
CA GLY B 166 6.65 6.30 -12.16
C GLY B 166 7.29 7.36 -11.27
N PRO B 167 6.48 8.25 -10.64
CA PRO B 167 7.03 9.26 -9.76
C PRO B 167 7.75 8.66 -8.55
N THR B 168 7.19 7.59 -7.95
CA THR B 168 7.85 6.99 -6.80
C THR B 168 9.23 6.49 -7.20
N VAL B 169 9.30 5.83 -8.35
CA VAL B 169 10.57 5.28 -8.81
C VAL B 169 11.56 6.38 -9.16
N SER B 170 11.07 7.56 -9.57
CA SER B 170 11.94 8.71 -9.82
C SER B 170 12.60 9.24 -8.53
N ALA B 171 12.12 8.85 -7.33
CA ALA B 171 12.76 9.20 -6.07
C ALA B 171 13.83 8.20 -5.61
N VAL B 172 13.78 6.96 -6.10
CA VAL B 172 14.62 5.85 -5.67
C VAL B 172 16.11 6.20 -5.90
N PRO B 173 16.51 6.93 -6.96
CA PRO B 173 17.91 7.30 -7.12
C PRO B 173 18.49 8.20 -6.04
N ALA B 174 17.65 8.72 -5.15
CA ALA B 174 18.16 9.35 -3.96
C ALA B 174 19.05 8.41 -3.17
N ALA B 175 18.78 7.10 -3.22
CA ALA B 175 19.47 6.13 -2.39
C ALA B 175 20.19 5.07 -3.21
N VAL B 176 19.63 4.68 -4.37
CA VAL B 176 20.17 3.56 -5.13
C VAL B 176 20.46 3.99 -6.57
N ASP B 177 21.42 3.37 -7.24
CA ASP B 177 21.55 3.55 -8.68
C ASP B 177 20.66 2.52 -9.39
N ILE B 178 19.82 2.96 -10.33
CA ILE B 178 19.05 2.05 -11.14
C ILE B 178 19.86 1.67 -12.39
N ASP B 179 20.74 0.70 -12.19
CA ASP B 179 21.72 0.16 -13.14
C ASP B 179 20.99 -0.39 -14.36
N PRO B 180 21.14 0.13 -15.61
CA PRO B 180 20.42 -0.42 -16.76
C PRO B 180 20.76 -1.87 -17.15
N ALA B 181 21.91 -2.37 -16.69
CA ALA B 181 22.29 -3.75 -16.95
C ALA B 181 21.44 -4.70 -16.09
N THR B 182 21.11 -4.28 -14.88
CA THR B 182 20.28 -5.10 -13.99
C THR B 182 18.79 -4.84 -14.20
N TYR B 183 18.40 -3.58 -14.47
CA TYR B 183 17.01 -3.21 -14.66
C TYR B 183 16.75 -2.58 -16.03
N PRO B 184 16.95 -3.33 -17.15
CA PRO B 184 16.72 -2.73 -18.47
C PRO B 184 15.28 -2.33 -18.75
N LYS B 185 14.32 -3.13 -18.25
CA LYS B 185 12.93 -2.81 -18.49
C LYS B 185 12.49 -1.62 -17.65
N VAL B 186 12.91 -1.54 -16.38
CA VAL B 186 12.57 -0.35 -15.60
C VAL B 186 13.13 0.90 -16.29
N THR B 187 14.40 0.84 -16.70
CA THR B 187 15.07 1.97 -17.34
CA THR B 187 15.02 2.04 -17.27
C THR B 187 14.30 2.44 -18.56
N ALA B 188 13.94 1.46 -19.41
CA ALA B 188 13.23 1.74 -20.66
C ALA B 188 11.86 2.33 -20.38
N TRP B 189 11.19 1.82 -19.33
CA TRP B 189 9.88 2.34 -18.93
C TRP B 189 9.97 3.78 -18.43
N LEU B 190 10.95 4.08 -17.59
CA LEU B 190 11.11 5.44 -17.11
C LEU B 190 11.39 6.40 -18.27
N ASP B 191 12.22 5.97 -19.23
CA ASP B 191 12.45 6.78 -20.45
C ASP B 191 11.17 6.94 -21.30
N ARG B 192 10.37 5.89 -21.40
CA ARG B 192 9.10 5.92 -22.10
C ARG B 192 8.14 6.96 -21.50
N LEU B 193 8.03 6.99 -20.15
CA LEU B 193 7.14 7.96 -19.54
C LEU B 193 7.63 9.35 -19.89
N ASN B 194 8.93 9.54 -19.85
CA ASN B 194 9.50 10.87 -20.10
C ASN B 194 9.36 11.34 -21.56
N LYS B 195 8.94 10.44 -22.45
CA LYS B 195 8.66 10.83 -23.83
C LYS B 195 7.27 11.40 -23.94
N LEU B 196 6.47 11.36 -22.87
CA LEU B 196 5.22 12.08 -22.86
C LEU B 196 5.47 13.48 -22.35
N PRO B 197 5.25 14.56 -23.16
CA PRO B 197 5.61 15.90 -22.70
C PRO B 197 5.00 16.31 -21.36
N TYR B 198 3.72 16.01 -21.14
CA TYR B 198 3.07 16.44 -19.92
C TYR B 198 3.75 15.77 -18.72
N TYR B 199 4.24 14.54 -18.90
CA TYR B 199 4.81 13.76 -17.80
C TYR B 199 6.18 14.35 -17.42
N LYS B 200 7.01 14.59 -18.42
CA LYS B 200 8.33 15.17 -18.15
C LYS B 200 8.23 16.56 -17.56
N GLU B 201 7.29 17.35 -18.05
CA GLU B 201 7.07 18.69 -17.57
C GLU B 201 6.70 18.69 -16.08
N ILE B 202 5.83 17.78 -15.65
CA ILE B 202 5.43 17.77 -14.26
C ILE B 202 6.50 17.09 -13.37
N ASN B 203 7.09 16.03 -13.86
CA ASN B 203 7.85 15.11 -13.01
C ASN B 203 9.37 15.42 -12.90
N GLU B 204 9.99 15.79 -14.04
CA GLU B 204 11.43 15.62 -14.16
C GLU B 204 12.21 16.61 -13.28
N ALA B 205 11.96 17.91 -13.36
CA ALA B 205 12.77 18.87 -12.60
C ALA B 205 12.60 18.64 -11.09
N PRO B 206 11.38 18.49 -10.56
CA PRO B 206 11.21 18.22 -9.14
C PRO B 206 11.88 16.94 -8.71
N ALA B 207 11.86 15.89 -9.55
CA ALA B 207 12.51 14.66 -9.21
C ALA B 207 14.02 14.87 -9.08
N GLN B 208 14.60 15.62 -10.04
CA GLN B 208 16.03 15.90 -9.99
C GLN B 208 16.39 16.70 -8.74
N SER B 209 15.54 17.64 -8.31
CA SER B 209 15.80 18.47 -7.17
C SER B 209 15.86 17.64 -5.90
N TYR B 210 14.88 16.73 -5.79
CA TYR B 210 14.79 15.84 -4.63
C TYR B 210 16.00 14.94 -4.55
N VAL B 211 16.35 14.32 -5.67
CA VAL B 211 17.44 13.36 -5.67
C VAL B 211 18.77 14.06 -5.33
N ALA B 212 19.04 15.19 -5.97
CA ALA B 212 20.27 15.93 -5.68
C ALA B 212 20.35 16.36 -4.20
N PHE B 213 19.24 16.85 -3.65
CA PHE B 213 19.17 17.24 -2.27
C PHE B 213 19.60 16.07 -1.36
N LEU B 214 18.90 14.93 -1.44
CA LEU B 214 19.18 13.84 -0.52
C LEU B 214 20.56 13.23 -0.77
N ARG B 215 21.01 13.17 -2.02
CA ARG B 215 22.35 12.67 -2.27
C ARG B 215 23.42 13.55 -1.64
N SER B 216 23.16 14.85 -1.53
CA SER B 216 24.11 15.74 -0.86
C SER B 216 24.15 15.50 0.65
N LYS B 217 23.22 14.74 1.26
CA LYS B 217 23.10 14.69 2.72
C LYS B 217 23.72 13.42 3.28
N TRP B 218 23.76 12.33 2.50
CA TRP B 218 24.14 11.05 3.03
C TRP B 218 25.60 11.09 3.54
N THR B 219 25.85 10.50 4.71
CA THR B 219 27.23 10.34 5.19
C THR B 219 27.67 8.90 5.07
N LYS B 220 26.70 7.98 4.94
CA LYS B 220 27.02 6.61 4.63
C LYS B 220 25.81 5.99 3.93
N LEU B 221 26.08 5.35 2.80
CA LEU B 221 25.06 4.71 1.99
C LEU B 221 25.39 3.25 1.94
N GLY B 222 24.86 2.47 2.89
CA GLY B 222 25.14 1.05 2.93
C GLY B 222 26.61 0.76 3.24
N ASP B 223 27.08 -0.42 2.85
CA ASP B 223 28.41 -0.90 3.17
C ASP B 223 29.42 -0.58 2.05
#